data_3VEM
#
_entry.id   3VEM
#
_cell.length_a   85.640
_cell.length_b   85.640
_cell.length_c   292.740
_cell.angle_alpha   90.00
_cell.angle_beta   90.00
_cell.angle_gamma   120.00
#
_symmetry.space_group_name_H-M   'P 31 2 1'
#
_entity_poly.entity_id   1
_entity_poly.type   'polypeptide(L)'
_entity_poly.pdbx_seq_one_letter_code
;HSAGVTALVPSLLNNGTEQIAVQPVPQIPFPVFNDPFLHELEKLRRESENSKKTFEEKKSILKAELERKMAEVQAEFRRK
FHEVEAEHNTRTTKIEKDKNLVIMNKLLANAFLSK
;
_entity_poly.pdbx_strand_id   A,B,C,D
#
# COMPACT_ATOMS: atom_id res chain seq x y z
N PHE A 33 -36.52 30.20 -6.03
CA PHE A 33 -36.14 31.52 -5.49
C PHE A 33 -36.23 32.68 -6.51
N ASN A 34 -36.75 33.83 -6.05
CA ASN A 34 -36.85 35.03 -6.91
C ASN A 34 -35.51 35.76 -7.14
N ASP A 35 -34.92 36.24 -6.04
CA ASP A 35 -33.65 36.95 -6.04
C ASP A 35 -32.49 35.98 -6.26
N PRO A 36 -31.73 36.12 -7.35
CA PRO A 36 -30.61 35.21 -7.66
C PRO A 36 -29.45 35.37 -6.69
N PHE A 37 -29.64 36.24 -5.70
CA PHE A 37 -28.67 36.54 -4.67
C PHE A 37 -29.08 35.68 -3.48
N LEU A 38 -30.29 35.94 -2.98
CA LEU A 38 -30.89 35.06 -1.98
C LEU A 38 -30.84 33.59 -2.43
N HIS A 39 -30.72 33.39 -3.75
CA HIS A 39 -30.58 32.05 -4.30
C HIS A 39 -29.19 31.52 -4.04
N GLU A 40 -28.19 32.12 -4.67
CA GLU A 40 -26.80 31.77 -4.40
C GLU A 40 -26.50 31.58 -2.91
N LEU A 41 -27.07 32.44 -2.08
CA LEU A 41 -26.87 32.33 -0.64
C LEU A 41 -27.45 31.05 -0.04
N GLU A 42 -28.57 30.57 -0.58
CA GLU A 42 -29.15 29.33 -0.08
C GLU A 42 -28.43 28.13 -0.68
N LYS A 43 -28.20 28.16 -1.98
CA LYS A 43 -27.39 27.15 -2.62
C LYS A 43 -26.08 26.89 -1.85
N LEU A 44 -25.55 27.90 -1.16
CA LEU A 44 -24.33 27.77 -0.34
C LEU A 44 -24.60 27.41 1.11
N ARG A 45 -25.77 27.76 1.62
CA ARG A 45 -26.07 27.43 3.00
C ARG A 45 -26.40 25.95 3.01
N ARG A 46 -26.91 25.50 1.88
CA ARG A 46 -27.28 24.10 1.67
C ARG A 46 -25.97 23.32 1.47
N GLU A 47 -25.14 23.82 0.55
CA GLU A 47 -23.80 23.28 0.28
C GLU A 47 -22.95 23.01 1.53
N SER A 48 -23.16 23.79 2.58
CA SER A 48 -22.37 23.70 3.81
C SER A 48 -23.12 22.95 4.90
N GLU A 49 -24.23 22.32 4.52
CA GLU A 49 -24.97 21.53 5.48
C GLU A 49 -24.67 20.12 5.10
N ASN A 50 -24.41 19.92 3.81
CA ASN A 50 -23.89 18.68 3.28
C ASN A 50 -22.46 18.45 3.76
N SER A 51 -21.62 19.48 3.62
CA SER A 51 -20.32 19.48 4.25
C SER A 51 -20.46 19.04 5.71
N LYS A 52 -21.05 19.89 6.56
CA LYS A 52 -21.16 19.58 7.98
C LYS A 52 -21.68 18.17 8.23
N LYS A 53 -22.42 17.65 7.26
CA LYS A 53 -23.09 16.37 7.38
C LYS A 53 -22.16 15.20 7.06
N THR A 54 -21.65 15.14 5.84
CA THR A 54 -20.71 14.07 5.49
C THR A 54 -19.49 14.04 6.44
N PHE A 55 -19.08 15.19 6.94
CA PHE A 55 -18.04 15.21 7.97
C PHE A 55 -18.50 14.53 9.26
N GLU A 56 -19.66 14.94 9.76
CA GLU A 56 -20.21 14.38 10.99
C GLU A 56 -20.34 12.85 10.93
N GLU A 57 -20.49 12.33 9.72
CA GLU A 57 -20.82 10.94 9.52
C GLU A 57 -19.55 10.12 9.39
N LYS A 58 -18.58 10.63 8.62
CA LYS A 58 -17.25 10.03 8.54
C LYS A 58 -16.71 9.87 9.97
N LYS A 59 -16.59 11.00 10.66
CA LYS A 59 -16.30 11.04 12.09
C LYS A 59 -16.94 9.91 12.90
N SER A 60 -18.15 9.48 12.51
CA SER A 60 -18.86 8.45 13.27
C SER A 60 -18.41 7.08 12.83
N ILE A 61 -18.41 6.85 11.53
CA ILE A 61 -17.83 5.65 10.93
C ILE A 61 -16.46 5.25 11.52
N LEU A 62 -15.49 6.17 11.48
CA LEU A 62 -14.18 5.90 12.05
C LEU A 62 -14.33 5.52 13.50
N LYS A 63 -14.98 6.37 14.28
CA LYS A 63 -15.14 6.09 15.71
C LYS A 63 -15.68 4.67 15.91
N ALA A 64 -16.46 4.19 14.96
CA ALA A 64 -17.17 2.91 15.07
C ALA A 64 -16.37 1.75 14.49
N GLU A 65 -15.44 2.05 13.60
CA GLU A 65 -14.47 1.06 13.11
C GLU A 65 -13.37 0.81 14.16
N LEU A 66 -12.71 1.88 14.61
CA LEU A 66 -11.77 1.78 15.74
C LEU A 66 -12.35 1.00 16.91
N GLU A 67 -13.64 1.19 17.19
CA GLU A 67 -14.28 0.54 18.32
C GLU A 67 -14.26 -0.96 18.12
N ARG A 68 -14.40 -1.36 16.87
CA ARG A 68 -14.59 -2.74 16.51
C ARG A 68 -13.24 -3.46 16.37
N LYS A 69 -12.29 -2.84 15.68
CA LYS A 69 -10.91 -3.34 15.61
C LYS A 69 -10.31 -3.55 17.00
N MET A 70 -10.56 -2.60 17.92
CA MET A 70 -10.06 -2.72 19.28
C MET A 70 -10.72 -3.81 20.11
N ALA A 71 -11.98 -4.11 19.82
CA ALA A 71 -12.68 -5.13 20.56
C ALA A 71 -12.31 -6.51 20.01
N GLU A 72 -11.88 -6.53 18.75
CA GLU A 72 -11.49 -7.76 18.08
C GLU A 72 -10.00 -8.11 18.25
N VAL A 73 -9.20 -7.11 18.61
CA VAL A 73 -7.77 -7.32 18.84
C VAL A 73 -7.59 -7.79 20.27
N GLN A 74 -8.61 -7.54 21.07
CA GLN A 74 -8.58 -7.79 22.49
C GLN A 74 -9.31 -9.08 22.80
N ALA A 75 -9.95 -9.63 21.79
CA ALA A 75 -10.68 -10.89 21.90
C ALA A 75 -9.84 -11.98 21.25
N GLU A 76 -8.88 -11.53 20.45
CA GLU A 76 -7.85 -12.38 19.90
C GLU A 76 -6.78 -12.60 20.97
N PHE A 77 -6.58 -11.58 21.79
CA PHE A 77 -5.65 -11.67 22.89
C PHE A 77 -6.22 -12.60 23.94
N ARG A 78 -7.44 -12.28 24.38
CA ARG A 78 -8.10 -13.10 25.39
C ARG A 78 -8.14 -14.57 24.96
N ARG A 79 -8.18 -14.82 23.66
CA ARG A 79 -8.19 -16.21 23.21
C ARG A 79 -6.88 -16.92 23.46
N LYS A 80 -5.82 -16.48 22.79
CA LYS A 80 -4.50 -17.06 22.97
C LYS A 80 -4.16 -17.14 24.46
N PHE A 81 -4.53 -16.11 25.20
CA PHE A 81 -4.19 -16.08 26.61
C PHE A 81 -4.85 -17.21 27.40
N HIS A 82 -6.09 -17.56 27.08
CA HIS A 82 -6.75 -18.64 27.80
C HIS A 82 -6.25 -20.01 27.37
N GLU A 83 -5.49 -20.05 26.28
CA GLU A 83 -4.83 -21.27 25.82
C GLU A 83 -3.49 -21.46 26.52
N VAL A 84 -2.69 -20.39 26.54
CA VAL A 84 -1.46 -20.35 27.32
C VAL A 84 -1.72 -20.74 28.78
N GLU A 85 -2.83 -20.28 29.32
CA GLU A 85 -3.14 -20.51 30.73
C GLU A 85 -3.59 -21.95 30.95
N ALA A 86 -4.16 -22.55 29.91
CA ALA A 86 -4.64 -23.93 29.95
C ALA A 86 -3.45 -24.90 29.89
N GLU A 87 -2.63 -24.71 28.87
CA GLU A 87 -1.36 -25.40 28.71
C GLU A 87 -0.56 -25.52 30.01
N HIS A 88 -0.55 -24.46 30.81
CA HIS A 88 0.16 -24.45 32.08
C HIS A 88 -0.55 -25.26 33.16
N ASN A 89 -1.85 -25.06 33.32
CA ASN A 89 -2.58 -25.81 34.33
C ASN A 89 -2.53 -27.31 34.11
N THR A 90 -2.36 -27.71 32.86
CA THR A 90 -2.19 -29.12 32.57
C THR A 90 -0.73 -29.51 32.82
N ARG A 91 0.21 -28.65 32.40
CA ARG A 91 1.64 -28.80 32.73
C ARG A 91 1.83 -29.09 34.21
N THR A 92 1.10 -28.37 35.06
CA THR A 92 1.38 -28.46 36.48
C THR A 92 0.55 -29.49 37.21
N THR A 93 -0.55 -29.94 36.63
CA THR A 93 -1.25 -31.05 37.28
C THR A 93 -0.58 -32.37 36.94
N LYS A 94 0.23 -32.37 35.87
CA LYS A 94 1.11 -33.49 35.56
C LYS A 94 2.23 -33.53 36.61
N ILE A 95 3.11 -32.52 36.58
CA ILE A 95 4.11 -32.32 37.62
C ILE A 95 3.54 -32.67 39.00
N GLU A 96 2.24 -32.51 39.16
CA GLU A 96 1.58 -32.72 40.44
C GLU A 96 1.24 -34.18 40.74
N LYS A 97 0.67 -34.86 39.74
CA LYS A 97 0.37 -36.28 39.84
C LYS A 97 1.63 -36.96 40.33
N ASP A 98 2.73 -36.66 39.64
CA ASP A 98 4.03 -37.32 39.82
C ASP A 98 4.73 -37.06 41.17
N LYS A 99 4.91 -35.79 41.53
CA LYS A 99 5.40 -35.44 42.87
C LYS A 99 4.79 -36.32 43.96
N ASN A 100 3.55 -36.74 43.76
CA ASN A 100 2.79 -37.48 44.76
C ASN A 100 2.84 -38.98 44.56
N LEU A 101 3.24 -39.39 43.35
CA LEU A 101 3.63 -40.77 43.10
C LEU A 101 4.99 -41.04 43.76
N VAL A 102 5.94 -40.13 43.59
CA VAL A 102 7.18 -40.18 44.34
C VAL A 102 6.91 -40.30 45.85
N ILE A 103 6.22 -39.32 46.43
CA ILE A 103 5.97 -39.34 47.87
C ILE A 103 5.19 -40.57 48.35
N MET A 104 4.60 -41.31 47.43
CA MET A 104 3.83 -42.48 47.82
C MET A 104 4.72 -43.73 47.78
N ASN A 105 5.25 -44.05 46.60
CA ASN A 105 6.23 -45.10 46.47
C ASN A 105 7.39 -45.02 47.47
N LYS A 106 7.66 -43.82 47.95
CA LYS A 106 8.61 -43.65 49.03
C LYS A 106 7.96 -44.13 50.32
N LEU A 107 6.89 -43.47 50.72
CA LEU A 107 6.21 -43.78 51.98
C LEU A 107 5.73 -45.23 52.06
N LEU A 108 5.51 -45.84 50.90
CA LEU A 108 5.02 -47.21 50.85
C LEU A 108 6.14 -48.20 51.05
N ALA A 109 7.17 -48.09 50.19
CA ALA A 109 8.35 -48.94 50.29
C ALA A 109 9.18 -48.67 51.54
N ASN A 110 8.63 -47.91 52.47
CA ASN A 110 9.35 -47.51 53.67
C ASN A 110 8.53 -47.78 54.93
N ALA A 111 7.27 -48.16 54.74
CA ALA A 111 6.48 -48.75 55.83
C ALA A 111 6.46 -50.28 55.66
N PHE A 112 7.03 -50.73 54.54
CA PHE A 112 7.38 -52.12 54.27
C PHE A 112 8.53 -52.53 55.22
N LEU A 113 9.23 -51.53 55.75
CA LEU A 113 10.27 -51.73 56.76
C LEU A 113 9.73 -51.44 58.17
N SER A 114 9.27 -50.20 58.41
CA SER A 114 8.58 -49.85 59.67
C SER A 114 7.15 -49.32 59.45
N PHE B 33 22.82 -34.87 44.51
CA PHE B 33 21.89 -35.31 45.60
C PHE B 33 21.98 -36.79 45.96
N ASN B 34 22.54 -37.08 47.15
CA ASN B 34 22.83 -38.47 47.53
C ASN B 34 21.56 -39.30 47.67
N ASP B 35 20.63 -38.79 48.47
CA ASP B 35 19.31 -39.42 48.66
C ASP B 35 18.47 -39.42 47.37
N PRO B 36 18.19 -40.59 46.81
CA PRO B 36 17.55 -40.61 45.48
C PRO B 36 16.11 -40.02 45.49
N PHE B 37 15.40 -40.23 46.59
CA PHE B 37 14.10 -39.63 46.84
C PHE B 37 14.21 -38.11 46.83
N LEU B 38 15.10 -37.57 47.65
CA LEU B 38 15.40 -36.13 47.62
C LEU B 38 15.76 -35.66 46.20
N HIS B 39 16.21 -36.59 45.38
CA HIS B 39 16.66 -36.22 44.05
C HIS B 39 15.48 -36.02 43.13
N GLU B 40 14.60 -37.01 43.12
CA GLU B 40 13.34 -36.94 42.39
C GLU B 40 12.63 -35.64 42.75
N LEU B 41 12.60 -35.35 44.05
CA LEU B 41 11.99 -34.13 44.53
C LEU B 41 12.63 -32.89 43.93
N GLU B 42 13.93 -32.75 44.02
CA GLU B 42 14.62 -31.61 43.39
C GLU B 42 14.43 -31.55 41.86
N LYS B 43 14.58 -32.69 41.19
CA LYS B 43 14.25 -32.79 39.76
C LYS B 43 12.89 -32.14 39.40
N LEU B 44 11.90 -32.27 40.31
CA LEU B 44 10.53 -31.72 40.14
C LEU B 44 10.41 -30.25 40.51
N ARG B 45 10.97 -29.85 41.65
CA ARG B 45 11.03 -28.44 41.97
C ARG B 45 11.58 -27.71 40.77
N ARG B 46 12.47 -28.38 40.06
CA ARG B 46 13.19 -27.75 38.97
C ARG B 46 12.31 -27.65 37.74
N GLU B 47 11.39 -28.60 37.62
CA GLU B 47 10.52 -28.68 36.46
C GLU B 47 9.35 -27.73 36.61
N SER B 48 8.81 -27.66 37.82
CA SER B 48 7.76 -26.72 38.15
C SER B 48 8.27 -25.29 38.06
N GLU B 49 9.57 -25.11 38.20
CA GLU B 49 10.14 -23.77 38.13
C GLU B 49 10.29 -23.30 36.69
N ASN B 50 10.24 -24.23 35.75
CA ASN B 50 10.26 -23.89 34.33
C ASN B 50 8.85 -23.80 33.76
N SER B 51 7.93 -24.55 34.36
CA SER B 51 6.50 -24.39 34.06
C SER B 51 6.23 -22.90 34.28
N LYS B 52 6.39 -22.46 35.53
CA LYS B 52 6.19 -21.05 35.85
C LYS B 52 6.98 -20.12 34.95
N LYS B 53 8.28 -20.37 34.79
CA LYS B 53 9.12 -19.48 33.97
C LYS B 53 8.58 -19.30 32.55
N THR B 54 8.36 -20.38 31.81
CA THR B 54 7.90 -20.25 30.44
C THR B 54 6.46 -19.73 30.33
N PHE B 55 5.62 -20.02 31.33
CA PHE B 55 4.25 -19.50 31.36
C PHE B 55 4.26 -17.99 31.51
N GLU B 56 4.93 -17.50 32.56
CA GLU B 56 5.02 -16.07 32.84
C GLU B 56 5.62 -15.28 31.70
N GLU B 57 6.40 -15.97 30.88
CA GLU B 57 7.09 -15.34 29.79
C GLU B 57 6.28 -15.38 28.50
N LYS B 58 5.55 -16.48 28.29
CA LYS B 58 4.50 -16.54 27.26
C LYS B 58 3.49 -15.41 27.49
N LYS B 59 2.93 -15.37 28.71
CA LYS B 59 2.06 -14.30 29.18
C LYS B 59 2.65 -12.92 28.85
N SER B 60 3.89 -12.68 29.27
CA SER B 60 4.56 -11.39 29.06
C SER B 60 4.63 -10.95 27.60
N ILE B 61 4.73 -11.91 26.70
CA ILE B 61 4.81 -11.65 25.28
C ILE B 61 3.47 -11.29 24.67
N LEU B 62 2.45 -12.09 24.98
CA LEU B 62 1.12 -11.82 24.48
C LEU B 62 0.73 -10.41 24.88
N LYS B 63 0.98 -10.05 26.14
CA LYS B 63 0.70 -8.69 26.61
C LYS B 63 1.51 -7.63 25.85
N ALA B 64 2.74 -7.96 25.46
CA ALA B 64 3.56 -7.04 24.72
C ALA B 64 2.98 -6.72 23.34
N GLU B 65 2.33 -7.70 22.73
CA GLU B 65 1.86 -7.54 21.36
C GLU B 65 0.43 -7.02 21.34
N LEU B 66 -0.23 -7.08 22.47
CA LEU B 66 -1.52 -6.43 22.59
C LEU B 66 -1.26 -4.93 22.59
N GLU B 67 -0.44 -4.49 23.53
CA GLU B 67 0.05 -3.13 23.57
C GLU B 67 0.38 -2.60 22.20
N ARG B 68 1.08 -3.42 21.42
CA ARG B 68 1.64 -2.97 20.17
C ARG B 68 0.58 -2.86 19.08
N LYS B 69 -0.32 -3.83 19.02
CA LYS B 69 -1.40 -3.84 18.04
C LYS B 69 -2.40 -2.75 18.36
N MET B 70 -2.79 -2.66 19.62
CA MET B 70 -3.75 -1.64 19.99
C MET B 70 -3.19 -0.24 19.81
N ALA B 71 -1.96 -0.02 20.26
CA ALA B 71 -1.30 1.25 20.03
C ALA B 71 -1.40 1.69 18.58
N GLU B 72 -1.21 0.76 17.64
CA GLU B 72 -1.12 1.12 16.23
C GLU B 72 -2.45 1.15 15.49
N VAL B 73 -3.44 0.44 16.02
CA VAL B 73 -4.80 0.55 15.50
C VAL B 73 -5.32 1.95 15.83
N GLN B 74 -4.96 2.43 17.01
CA GLN B 74 -5.48 3.68 17.54
C GLN B 74 -4.65 4.88 17.12
N ALA B 75 -3.51 4.65 16.50
CA ALA B 75 -2.65 5.75 16.11
C ALA B 75 -2.64 5.79 14.60
N GLU B 76 -3.66 5.19 14.04
CA GLU B 76 -3.84 5.20 12.60
C GLU B 76 -5.30 5.50 12.40
N PHE B 77 -6.05 5.38 13.48
CA PHE B 77 -7.38 5.94 13.53
C PHE B 77 -7.25 7.46 13.53
N ARG B 78 -6.37 7.98 14.39
CA ARG B 78 -6.12 9.42 14.47
C ARG B 78 -5.55 9.95 13.17
N ARG B 79 -4.70 9.18 12.53
CA ARG B 79 -4.14 9.57 11.25
C ARG B 79 -5.26 9.71 10.20
N LYS B 80 -6.22 8.79 10.24
CA LYS B 80 -7.40 8.77 9.35
C LYS B 80 -8.43 9.87 9.67
N PHE B 81 -8.61 10.08 10.97
CA PHE B 81 -9.47 11.14 11.48
C PHE B 81 -8.98 12.52 11.05
N HIS B 82 -7.80 12.92 11.50
CA HIS B 82 -7.26 14.23 11.16
C HIS B 82 -7.29 14.47 9.66
N GLU B 83 -7.50 13.42 8.88
CA GLU B 83 -7.52 13.61 7.44
C GLU B 83 -8.93 13.90 6.93
N VAL B 84 -9.94 13.58 7.73
CA VAL B 84 -11.32 14.00 7.45
C VAL B 84 -11.50 15.42 7.96
N GLU B 85 -11.07 15.64 9.20
CA GLU B 85 -11.09 16.96 9.84
C GLU B 85 -10.41 17.98 8.92
N ALA B 86 -9.20 17.63 8.45
CA ALA B 86 -8.49 18.47 7.50
C ALA B 86 -9.34 18.76 6.26
N GLU B 87 -9.91 17.70 5.69
CA GLU B 87 -10.65 17.72 4.43
C GLU B 87 -11.90 18.60 4.50
N HIS B 88 -12.43 18.70 5.73
CA HIS B 88 -13.63 19.47 6.04
C HIS B 88 -13.31 20.97 6.16
N ASN B 89 -12.43 21.31 7.09
CA ASN B 89 -11.88 22.66 7.21
C ASN B 89 -11.49 23.26 5.87
N THR B 90 -11.08 22.44 4.90
CA THR B 90 -10.77 23.05 3.62
C THR B 90 -12.03 23.30 2.80
N ARG B 91 -12.94 22.33 2.80
CA ARG B 91 -14.28 22.49 2.24
C ARG B 91 -14.94 23.75 2.80
N THR B 92 -15.01 23.84 4.13
CA THR B 92 -15.66 24.98 4.73
C THR B 92 -15.00 26.31 4.40
N THR B 93 -13.68 26.47 4.42
CA THR B 93 -13.19 27.78 3.99
C THR B 93 -13.46 28.03 2.50
N LYS B 94 -13.52 26.98 1.69
CA LYS B 94 -13.87 27.13 0.28
C LYS B 94 -15.21 27.84 0.07
N ILE B 95 -16.22 27.34 0.78
CA ILE B 95 -17.59 27.88 0.85
C ILE B 95 -17.61 29.31 1.38
N GLU B 96 -17.22 29.48 2.64
CA GLU B 96 -16.93 30.81 3.22
C GLU B 96 -16.36 31.82 2.25
N LYS B 97 -15.49 31.42 1.35
CA LYS B 97 -14.90 32.37 0.42
C LYS B 97 -15.73 32.55 -0.85
N ASP B 98 -16.65 31.63 -1.08
CA ASP B 98 -17.60 31.76 -2.18
C ASP B 98 -18.69 32.72 -1.74
N LYS B 99 -19.18 32.47 -0.54
CA LYS B 99 -20.14 33.33 0.16
C LYS B 99 -19.67 34.78 0.17
N ASN B 100 -18.55 35.04 0.85
CA ASN B 100 -17.98 36.38 0.92
C ASN B 100 -17.85 36.99 -0.46
N LEU B 101 -17.39 36.20 -1.40
CA LEU B 101 -17.13 36.68 -2.75
C LEU B 101 -18.45 37.09 -3.46
N VAL B 102 -19.55 36.49 -3.04
CA VAL B 102 -20.84 36.71 -3.66
C VAL B 102 -21.60 37.88 -3.00
N ILE B 103 -21.40 38.03 -1.69
CA ILE B 103 -21.90 39.17 -0.93
C ILE B 103 -21.27 40.50 -1.33
N MET B 104 -19.95 40.55 -1.42
CA MET B 104 -19.28 41.79 -1.76
C MET B 104 -19.63 42.20 -3.18
N ASN B 105 -19.87 41.23 -4.04
CA ASN B 105 -20.23 41.52 -5.42
C ASN B 105 -21.59 42.18 -5.51
N LYS B 106 -22.49 41.79 -4.62
CA LYS B 106 -23.82 42.34 -4.51
C LYS B 106 -23.66 43.74 -4.00
N LEU B 107 -22.88 43.86 -2.93
CA LEU B 107 -22.61 45.15 -2.30
C LEU B 107 -21.98 46.18 -3.26
N LEU B 108 -21.17 45.73 -4.21
CA LEU B 108 -20.54 46.67 -5.12
C LEU B 108 -21.47 47.12 -6.24
N ALA B 109 -22.27 46.20 -6.76
CA ALA B 109 -23.14 46.50 -7.89
C ALA B 109 -24.28 47.44 -7.47
N ASN B 110 -24.21 47.85 -6.22
CA ASN B 110 -25.31 48.41 -5.46
C ASN B 110 -24.64 49.48 -4.60
N ALA B 111 -23.55 50.01 -5.14
CA ALA B 111 -22.73 51.00 -4.45
C ALA B 111 -22.93 52.40 -5.07
N PHE B 112 -24.14 52.92 -4.87
CA PHE B 112 -24.49 54.25 -5.31
C PHE B 112 -25.66 54.82 -4.48
N LEU B 113 -26.26 55.87 -5.03
CA LEU B 113 -27.17 56.73 -4.30
C LEU B 113 -28.55 56.91 -4.95
N SER B 114 -29.26 57.94 -4.49
CA SER B 114 -30.68 58.11 -4.80
C SER B 114 -31.43 56.76 -4.70
N PHE C 30 9.92 42.62 -4.69
CA PHE C 30 10.27 43.94 -4.15
C PHE C 30 9.61 44.22 -2.78
N PRO C 31 9.91 43.37 -1.76
CA PRO C 31 9.23 43.35 -0.45
C PRO C 31 8.78 44.72 0.13
N VAL C 32 9.53 45.79 -0.11
CA VAL C 32 9.26 47.11 0.50
C VAL C 32 7.96 47.79 0.04
N PHE C 33 6.82 47.25 0.49
CA PHE C 33 5.52 47.84 0.15
C PHE C 33 4.83 48.69 1.23
N ASN C 34 4.66 49.97 0.89
CA ASN C 34 4.20 50.97 1.83
C ASN C 34 2.68 50.95 1.96
N ASP C 35 2.00 50.69 0.85
CA ASP C 35 0.54 50.45 0.82
C ASP C 35 0.29 48.99 1.16
N PRO C 36 -0.48 48.72 2.22
CA PRO C 36 -0.82 47.34 2.57
C PRO C 36 -1.50 46.61 1.41
N PHE C 37 -2.36 47.32 0.69
CA PHE C 37 -3.09 46.75 -0.44
C PHE C 37 -2.11 46.30 -1.53
N LEU C 38 -1.22 47.20 -1.93
CA LEU C 38 -0.22 46.93 -2.95
C LEU C 38 0.68 45.76 -2.56
N HIS C 39 0.87 45.60 -1.25
CA HIS C 39 1.71 44.56 -0.68
C HIS C 39 1.03 43.22 -0.85
N GLU C 40 -0.21 43.16 -0.38
CA GLU C 40 -1.05 41.98 -0.53
C GLU C 40 -1.07 41.44 -1.94
N LEU C 41 -1.22 42.31 -2.94
CA LEU C 41 -1.26 41.85 -4.31
C LEU C 41 0.11 41.35 -4.72
N GLU C 42 1.16 41.82 -4.04
CA GLU C 42 2.50 41.33 -4.34
C GLU C 42 2.64 39.92 -3.80
N LYS C 43 2.38 39.76 -2.52
CA LYS C 43 2.35 38.44 -1.89
C LYS C 43 1.62 37.39 -2.76
N LEU C 44 0.45 37.76 -3.29
CA LEU C 44 -0.32 36.84 -4.14
C LEU C 44 0.27 36.63 -5.53
N ARG C 45 0.94 37.64 -6.08
CA ARG C 45 1.55 37.51 -7.39
C ARG C 45 2.76 36.60 -7.26
N ARG C 46 3.42 36.70 -6.11
CA ARG C 46 4.57 35.88 -5.81
C ARG C 46 4.09 34.46 -5.50
N GLU C 47 2.85 34.36 -5.05
CA GLU C 47 2.27 33.06 -4.69
C GLU C 47 1.78 32.24 -5.90
N SER C 48 1.23 32.92 -6.90
CA SER C 48 0.83 32.28 -8.15
C SER C 48 2.06 32.13 -9.04
N GLU C 49 3.21 32.50 -8.49
CA GLU C 49 4.47 32.35 -9.18
C GLU C 49 5.03 30.99 -8.82
N ASN C 50 5.02 30.69 -7.52
CA ASN C 50 5.42 29.38 -7.01
C ASN C 50 4.46 28.29 -7.46
N SER C 51 3.25 28.68 -7.82
CA SER C 51 2.28 27.71 -8.32
C SER C 51 2.64 27.30 -9.74
N LYS C 52 2.84 28.27 -10.64
CA LYS C 52 3.24 27.95 -12.01
C LYS C 52 4.56 27.16 -12.00
N LYS C 53 5.32 27.32 -10.92
CA LYS C 53 6.69 26.82 -10.83
C LYS C 53 6.78 25.43 -10.22
N THR C 54 5.82 25.11 -9.36
CA THR C 54 5.74 23.76 -8.76
C THR C 54 4.97 22.80 -9.67
N PHE C 55 4.10 23.36 -10.48
CA PHE C 55 3.42 22.61 -11.52
C PHE C 55 4.40 22.21 -12.61
N GLU C 56 5.53 22.93 -12.68
CA GLU C 56 6.53 22.68 -13.72
C GLU C 56 7.59 21.68 -13.28
N GLU C 57 8.07 21.83 -12.05
CA GLU C 57 9.04 20.88 -11.53
C GLU C 57 8.38 19.54 -11.20
N LYS C 58 7.10 19.56 -10.82
CA LYS C 58 6.32 18.33 -10.69
C LYS C 58 6.17 17.66 -12.06
N LYS C 59 5.83 18.47 -13.07
CA LYS C 59 5.53 18.02 -14.43
C LYS C 59 6.74 17.48 -15.19
N SER C 60 7.94 17.71 -14.65
CA SER C 60 9.16 17.15 -15.26
C SER C 60 9.64 15.92 -14.51
N ILE C 61 9.35 15.85 -13.21
CA ILE C 61 9.65 14.65 -12.44
C ILE C 61 8.80 13.46 -12.89
N LEU C 62 7.72 13.75 -13.63
CA LEU C 62 6.88 12.69 -14.20
C LEU C 62 7.27 12.36 -15.63
N LYS C 63 7.62 13.37 -16.40
CA LYS C 63 8.04 13.14 -17.78
C LYS C 63 9.41 12.47 -17.80
N ALA C 64 10.12 12.57 -16.68
CA ALA C 64 11.46 12.00 -16.55
C ALA C 64 11.43 10.64 -15.85
N GLU C 65 10.42 10.42 -15.01
CA GLU C 65 10.22 9.14 -14.35
C GLU C 65 9.64 8.12 -15.34
N LEU C 66 9.13 8.63 -16.46
CA LEU C 66 8.56 7.79 -17.50
C LEU C 66 9.65 7.28 -18.45
N GLU C 67 10.62 8.13 -18.79
CA GLU C 67 11.76 7.67 -19.58
C GLU C 67 12.50 6.59 -18.83
N ARG C 68 12.64 6.75 -17.51
CA ARG C 68 13.35 5.77 -16.70
C ARG C 68 12.60 4.43 -16.66
N LYS C 69 11.26 4.45 -16.68
CA LYS C 69 10.47 3.22 -16.63
C LYS C 69 10.23 2.55 -18.00
N MET C 70 10.13 3.34 -19.07
CA MET C 70 9.91 2.80 -20.41
C MET C 70 11.19 2.30 -21.07
N ALA C 71 12.30 2.96 -20.80
CA ALA C 71 13.58 2.47 -21.27
C ALA C 71 13.93 1.20 -20.48
N GLU C 72 13.54 1.16 -19.21
CA GLU C 72 13.93 0.07 -18.32
C GLU C 72 13.01 -1.14 -18.39
N VAL C 73 11.85 -1.00 -19.03
CA VAL C 73 11.00 -2.15 -19.26
C VAL C 73 11.37 -2.75 -20.61
N GLN C 74 11.61 -1.88 -21.57
CA GLN C 74 12.01 -2.29 -22.90
C GLN C 74 13.45 -2.78 -22.88
N ALA C 75 14.13 -2.58 -21.75
CA ALA C 75 15.49 -3.05 -21.59
C ALA C 75 15.48 -4.47 -21.03
N GLU C 76 14.62 -4.72 -20.05
CA GLU C 76 14.51 -6.04 -19.47
C GLU C 76 13.63 -6.95 -20.33
N PHE C 77 13.00 -6.40 -21.36
CA PHE C 77 12.35 -7.24 -22.37
C PHE C 77 13.41 -7.83 -23.29
N ARG C 78 14.27 -6.96 -23.83
CA ARG C 78 15.34 -7.42 -24.70
C ARG C 78 16.06 -8.58 -24.00
N ARG C 79 16.31 -8.43 -22.70
CA ARG C 79 16.95 -9.50 -21.92
C ARG C 79 16.20 -10.83 -22.02
N LYS C 80 14.89 -10.83 -21.78
CA LYS C 80 14.07 -12.05 -21.83
C LYS C 80 14.03 -12.68 -23.23
N PHE C 81 13.89 -11.84 -24.25
CA PHE C 81 13.94 -12.28 -25.65
C PHE C 81 15.27 -12.96 -26.01
N HIS C 82 16.39 -12.24 -25.85
CA HIS C 82 17.71 -12.80 -26.20
C HIS C 82 17.98 -14.08 -25.42
N GLU C 83 17.46 -14.16 -24.21
CA GLU C 83 17.51 -15.38 -23.40
C GLU C 83 16.76 -16.55 -24.06
N VAL C 84 15.61 -16.27 -24.69
CA VAL C 84 14.84 -17.29 -25.41
C VAL C 84 15.47 -17.58 -26.77
N GLU C 85 16.04 -16.56 -27.39
CA GLU C 85 16.70 -16.72 -28.69
C GLU C 85 17.93 -17.61 -28.54
N ALA C 86 18.80 -17.28 -27.59
CA ALA C 86 19.94 -18.15 -27.29
C ALA C 86 19.51 -19.59 -26.96
N GLU C 87 18.38 -19.74 -26.26
CA GLU C 87 17.77 -21.03 -25.89
C GLU C 87 17.30 -21.85 -27.09
N HIS C 88 16.84 -21.17 -28.15
CA HIS C 88 16.43 -21.85 -29.38
C HIS C 88 17.66 -22.23 -30.19
N ASN C 89 18.59 -21.28 -30.33
CA ASN C 89 19.85 -21.52 -31.03
C ASN C 89 20.61 -22.75 -30.52
N THR C 90 20.60 -23.00 -29.22
CA THR C 90 21.24 -24.21 -28.72
C THR C 90 20.43 -25.44 -29.13
N ARG C 91 19.11 -25.33 -29.02
CA ARG C 91 18.21 -26.41 -29.40
C ARG C 91 18.42 -26.86 -30.86
N THR C 92 18.72 -25.92 -31.76
CA THR C 92 18.92 -26.26 -33.17
C THR C 92 20.34 -26.74 -33.52
N THR C 93 21.33 -26.39 -32.72
CA THR C 93 22.67 -26.96 -32.92
C THR C 93 22.74 -28.36 -32.30
N LYS C 94 21.74 -28.69 -31.48
CA LYS C 94 21.56 -30.06 -31.01
C LYS C 94 20.86 -30.93 -32.04
N ILE C 95 19.98 -30.33 -32.84
CA ILE C 95 19.25 -31.07 -33.87
C ILE C 95 20.10 -31.32 -35.12
N GLU C 96 21.24 -30.64 -35.23
CA GLU C 96 22.14 -30.84 -36.37
C GLU C 96 23.38 -31.63 -35.99
N LYS C 97 23.63 -31.76 -34.69
CA LYS C 97 24.63 -32.71 -34.21
C LYS C 97 24.07 -34.09 -34.40
N ASP C 98 22.84 -34.27 -33.92
CA ASP C 98 22.16 -35.56 -34.00
C ASP C 98 21.81 -35.91 -35.45
N LYS C 99 21.38 -34.92 -36.22
CA LYS C 99 21.11 -35.13 -37.64
C LYS C 99 22.39 -35.52 -38.37
N ASN C 100 23.48 -34.80 -38.13
CA ASN C 100 24.73 -35.05 -38.83
C ASN C 100 25.46 -36.29 -38.36
N LEU C 101 25.06 -36.81 -37.21
CA LEU C 101 25.60 -38.07 -36.71
C LEU C 101 24.91 -39.25 -37.39
N VAL C 102 23.59 -39.19 -37.47
CA VAL C 102 22.79 -40.18 -38.17
C VAL C 102 23.20 -40.30 -39.62
N ILE C 103 23.91 -39.29 -40.13
CA ILE C 103 24.31 -39.30 -41.52
C ILE C 103 25.71 -39.85 -41.71
N MET C 104 26.59 -39.61 -40.75
CA MET C 104 27.93 -40.18 -40.87
C MET C 104 27.89 -41.68 -40.58
N ASN C 105 26.97 -42.12 -39.74
CA ASN C 105 26.78 -43.54 -39.50
C ASN C 105 26.36 -44.30 -40.75
N LYS C 106 25.19 -43.97 -41.27
CA LYS C 106 24.72 -44.62 -42.48
C LYS C 106 25.70 -44.45 -43.65
N LEU C 107 26.65 -43.51 -43.54
CA LEU C 107 27.59 -43.31 -44.64
C LEU C 107 28.83 -44.19 -44.54
N LEU C 108 29.25 -44.48 -43.31
CA LEU C 108 30.41 -45.34 -43.07
C LEU C 108 29.99 -46.80 -43.12
N ALA C 109 28.87 -47.08 -42.47
CA ALA C 109 28.28 -48.41 -42.48
C ALA C 109 28.11 -48.87 -43.92
N ASN C 110 27.60 -47.95 -44.74
CA ASN C 110 27.21 -48.25 -46.11
C ASN C 110 28.36 -48.17 -47.13
N ALA C 111 29.59 -47.95 -46.67
CA ALA C 111 30.75 -48.00 -47.57
C ALA C 111 31.30 -49.44 -47.72
N PHE C 112 30.54 -50.39 -47.15
CA PHE C 112 30.80 -51.84 -47.26
C PHE C 112 30.12 -52.45 -48.50
N PHE D 33 7.39 -44.66 -42.54
CA PHE D 33 8.70 -44.98 -43.14
C PHE D 33 9.30 -46.35 -42.80
N ASN D 34 9.54 -47.16 -43.82
CA ASN D 34 10.14 -48.49 -43.64
C ASN D 34 11.62 -48.42 -43.25
N ASP D 35 12.41 -47.70 -44.07
CA ASP D 35 13.86 -47.53 -43.85
C ASP D 35 14.13 -46.82 -42.51
N PRO D 36 14.86 -47.49 -41.60
CA PRO D 36 15.16 -46.92 -40.27
C PRO D 36 15.84 -45.56 -40.39
N PHE D 37 16.72 -45.45 -41.39
CA PHE D 37 17.45 -44.23 -41.68
C PHE D 37 16.52 -43.11 -42.10
N LEU D 38 15.80 -43.31 -43.19
CA LEU D 38 14.74 -42.39 -43.59
C LEU D 38 13.80 -42.09 -42.43
N HIS D 39 13.69 -42.99 -41.47
CA HIS D 39 12.78 -42.78 -40.35
C HIS D 39 13.31 -41.75 -39.36
N GLU D 40 14.55 -41.94 -38.93
CA GLU D 40 15.18 -41.00 -37.99
C GLU D 40 15.27 -39.61 -38.57
N LEU D 41 15.43 -39.53 -39.89
CA LEU D 41 15.52 -38.26 -40.58
C LEU D 41 14.21 -37.50 -40.48
N GLU D 42 13.10 -38.23 -40.47
CA GLU D 42 11.76 -37.64 -40.30
C GLU D 42 11.48 -37.25 -38.84
N LYS D 43 11.90 -38.09 -37.90
CA LYS D 43 11.81 -37.74 -36.50
C LYS D 43 12.48 -36.37 -36.24
N LEU D 44 13.63 -36.15 -36.89
CA LEU D 44 14.37 -34.91 -36.77
C LEU D 44 13.78 -33.78 -37.58
N ARG D 45 13.08 -34.08 -38.66
CA ARG D 45 12.40 -33.04 -39.39
C ARG D 45 11.30 -32.51 -38.50
N ARG D 46 10.59 -33.42 -37.85
CA ARG D 46 9.47 -33.02 -37.02
C ARG D 46 9.97 -32.25 -35.81
N GLU D 47 11.06 -32.75 -35.23
CA GLU D 47 11.72 -32.09 -34.11
C GLU D 47 12.07 -30.62 -34.42
N SER D 48 12.68 -30.40 -35.58
CA SER D 48 13.14 -29.09 -35.98
C SER D 48 12.03 -28.24 -36.54
N GLU D 49 10.83 -28.78 -36.57
CA GLU D 49 9.68 -28.00 -37.01
C GLU D 49 8.95 -27.58 -35.76
N ASN D 50 9.11 -28.39 -34.72
CA ASN D 50 8.52 -28.09 -33.43
C ASN D 50 9.39 -27.11 -32.67
N SER D 51 10.70 -27.35 -32.68
CA SER D 51 11.64 -26.34 -32.21
C SER D 51 11.21 -24.98 -32.74
N LYS D 52 11.20 -24.84 -34.07
CA LYS D 52 10.71 -23.63 -34.74
C LYS D 52 9.37 -23.13 -34.18
N LYS D 53 8.33 -23.95 -34.28
CA LYS D 53 6.98 -23.58 -33.84
C LYS D 53 6.98 -22.93 -32.46
N THR D 54 7.46 -23.69 -31.47
CA THR D 54 7.39 -23.26 -30.07
C THR D 54 8.31 -22.07 -29.75
N PHE D 55 9.26 -21.79 -30.63
CA PHE D 55 10.11 -20.60 -30.47
C PHE D 55 9.39 -19.36 -30.99
N GLU D 56 8.58 -19.52 -32.04
CA GLU D 56 7.85 -18.39 -32.60
C GLU D 56 6.64 -18.04 -31.77
N GLU D 57 6.19 -18.98 -30.94
CA GLU D 57 5.09 -18.72 -30.03
C GLU D 57 5.60 -18.13 -28.71
N LYS D 58 6.86 -18.39 -28.37
CA LYS D 58 7.51 -17.63 -27.30
C LYS D 58 7.80 -16.21 -27.79
N LYS D 59 8.35 -16.09 -29.01
CA LYS D 59 8.63 -14.81 -29.64
C LYS D 59 7.40 -13.92 -29.70
N SER D 60 6.22 -14.51 -29.77
CA SER D 60 5.00 -13.72 -29.92
C SER D 60 4.23 -13.56 -28.61
N ILE D 61 4.57 -14.38 -27.61
CA ILE D 61 4.11 -14.17 -26.24
C ILE D 61 4.74 -12.90 -25.66
N LEU D 62 6.05 -12.73 -25.88
CA LEU D 62 6.76 -11.57 -25.34
C LEU D 62 6.32 -10.26 -25.99
N LYS D 63 6.22 -10.25 -27.32
CA LYS D 63 5.77 -9.08 -28.06
C LYS D 63 4.41 -8.61 -27.57
N ALA D 64 3.55 -9.57 -27.20
CA ALA D 64 2.24 -9.23 -26.64
C ALA D 64 2.32 -8.63 -25.25
N GLU D 65 3.18 -9.22 -24.40
CA GLU D 65 3.39 -8.73 -23.05
C GLU D 65 4.03 -7.34 -23.02
N LEU D 66 4.90 -7.07 -23.98
CA LEU D 66 5.52 -5.75 -24.09
C LEU D 66 4.47 -4.68 -24.40
N GLU D 67 3.34 -5.09 -24.94
CA GLU D 67 2.22 -4.19 -25.14
C GLU D 67 1.51 -3.98 -23.81
N ARG D 68 1.19 -5.09 -23.17
CA ARG D 68 0.48 -5.12 -21.90
C ARG D 68 1.20 -4.34 -20.81
N LYS D 69 2.48 -4.04 -21.00
CA LYS D 69 3.21 -3.21 -20.03
C LYS D 69 3.39 -1.77 -20.51
N MET D 70 3.77 -1.62 -21.77
CA MET D 70 4.07 -0.28 -22.30
C MET D 70 2.86 0.61 -22.50
N ALA D 71 1.68 0.05 -22.33
CA ALA D 71 0.47 0.84 -22.42
C ALA D 71 -0.10 0.96 -21.02
N GLU D 72 0.22 -0.03 -20.18
CA GLU D 72 -0.15 0.01 -18.77
C GLU D 72 0.77 0.94 -17.99
N VAL D 73 1.95 1.22 -18.56
CA VAL D 73 2.87 2.18 -17.97
C VAL D 73 2.49 3.58 -18.43
N GLN D 74 2.12 3.72 -19.69
CA GLN D 74 1.78 5.02 -20.22
C GLN D 74 0.39 5.47 -19.79
N ALA D 75 -0.42 4.55 -19.28
CA ALA D 75 -1.73 4.92 -18.75
C ALA D 75 -1.61 5.29 -17.27
N GLU D 76 -0.71 4.60 -16.55
CA GLU D 76 -0.36 4.95 -15.18
C GLU D 76 0.19 6.37 -15.11
N PHE D 77 1.04 6.71 -16.08
CA PHE D 77 1.57 8.06 -16.20
C PHE D 77 0.43 9.06 -16.31
N ARG D 78 -0.34 8.97 -17.40
CA ARG D 78 -1.41 9.94 -17.66
C ARG D 78 -2.31 10.17 -16.44
N ARG D 79 -2.51 9.12 -15.63
CA ARG D 79 -3.19 9.26 -14.36
C ARG D 79 -2.37 10.19 -13.44
N LYS D 80 -1.21 9.70 -12.98
CA LYS D 80 -0.32 10.50 -12.12
C LYS D 80 -0.27 11.97 -12.58
N PHE D 81 -0.38 12.17 -13.88
CA PHE D 81 -0.22 13.47 -14.51
C PHE D 81 -1.47 14.31 -14.41
N HIS D 82 -2.62 13.74 -14.77
CA HIS D 82 -3.89 14.48 -14.71
C HIS D 82 -4.27 14.82 -13.28
N GLU D 83 -3.43 14.41 -12.34
CA GLU D 83 -3.62 14.65 -10.92
C GLU D 83 -2.79 15.84 -10.47
N VAL D 84 -1.66 16.04 -11.13
CA VAL D 84 -0.79 17.17 -10.86
C VAL D 84 -1.45 18.40 -11.46
N GLU D 85 -2.12 18.18 -12.58
CA GLU D 85 -2.83 19.22 -13.31
C GLU D 85 -4.12 19.58 -12.56
N ALA D 86 -4.79 18.56 -12.04
CA ALA D 86 -5.96 18.76 -11.19
C ALA D 86 -5.58 19.60 -9.97
N GLU D 87 -4.39 19.34 -9.46
CA GLU D 87 -3.92 19.91 -8.21
C GLU D 87 -3.45 21.34 -8.41
N HIS D 88 -2.87 21.62 -9.56
CA HIS D 88 -2.41 22.95 -9.89
C HIS D 88 -3.62 23.83 -10.20
N ASN D 89 -4.68 23.22 -10.70
CA ASN D 89 -5.86 23.99 -11.01
C ASN D 89 -6.62 24.39 -9.78
N THR D 90 -6.76 23.49 -8.82
CA THR D 90 -7.47 23.86 -7.61
C THR D 90 -6.62 24.84 -6.81
N ARG D 91 -5.30 24.75 -6.97
CA ARG D 91 -4.37 25.72 -6.37
C ARG D 91 -4.51 27.12 -6.98
N THR D 92 -4.47 27.23 -8.32
CA THR D 92 -4.56 28.55 -8.92
C THR D 92 -5.95 29.16 -8.88
N THR D 93 -6.92 28.46 -8.33
CA THR D 93 -8.20 29.14 -8.10
C THR D 93 -8.39 29.52 -6.63
N LYS D 94 -7.68 28.84 -5.74
CA LYS D 94 -7.59 29.28 -4.35
C LYS D 94 -7.11 30.72 -4.36
N ILE D 95 -6.12 30.98 -5.22
CA ILE D 95 -5.38 32.24 -5.31
C ILE D 95 -6.17 33.34 -6.00
N GLU D 96 -6.69 33.04 -7.17
CA GLU D 96 -7.41 34.05 -7.93
C GLU D 96 -8.68 34.44 -7.22
N LYS D 97 -9.06 33.69 -6.19
CA LYS D 97 -10.22 34.04 -5.36
C LYS D 97 -9.80 34.86 -4.16
N ASP D 98 -8.51 34.81 -3.85
CA ASP D 98 -7.95 35.62 -2.77
C ASP D 98 -7.71 37.02 -3.33
N LYS D 99 -7.11 37.05 -4.51
CA LYS D 99 -6.83 38.27 -5.26
C LYS D 99 -8.11 39.07 -5.34
N ASN D 100 -9.19 38.37 -5.61
CA ASN D 100 -10.47 39.02 -5.78
C ASN D 100 -11.16 39.41 -4.49
N LEU D 101 -10.97 38.62 -3.44
CA LEU D 101 -11.44 38.99 -2.12
C LEU D 101 -10.69 40.23 -1.61
N VAL D 102 -9.40 40.35 -1.94
CA VAL D 102 -8.58 41.48 -1.48
C VAL D 102 -9.01 42.75 -2.19
N ILE D 103 -9.18 42.64 -3.49
CA ILE D 103 -9.54 43.80 -4.29
C ILE D 103 -10.88 44.38 -3.85
N MET D 104 -11.92 43.57 -3.93
CA MET D 104 -13.26 44.01 -3.57
C MET D 104 -13.40 44.70 -2.21
N ASN D 105 -12.50 44.43 -1.28
CA ASN D 105 -12.53 45.15 -0.02
C ASN D 105 -11.93 46.52 -0.11
N LYS D 106 -10.82 46.61 -0.83
CA LYS D 106 -10.21 47.89 -1.11
C LYS D 106 -11.29 48.75 -1.75
N LEU D 107 -11.96 48.20 -2.76
CA LEU D 107 -13.01 48.91 -3.49
C LEU D 107 -14.21 49.27 -2.62
N LEU D 108 -14.69 48.32 -1.84
CA LEU D 108 -15.81 48.63 -0.97
C LEU D 108 -15.44 49.67 0.08
N ALA D 109 -14.16 49.96 0.21
CA ALA D 109 -13.64 50.81 1.28
C ALA D 109 -13.34 52.22 0.77
N ASN D 110 -13.04 52.32 -0.52
CA ASN D 110 -12.82 53.59 -1.19
C ASN D 110 -13.95 53.89 -2.14
N ALA D 111 -15.17 53.59 -1.73
CA ALA D 111 -16.31 54.07 -2.46
C ALA D 111 -16.65 55.34 -1.72
N PHE D 112 -16.50 56.49 -2.38
CA PHE D 112 -16.93 57.81 -1.86
C PHE D 112 -15.85 58.75 -1.27
#